data_7Q8N
#
_entry.id   7Q8N
#
_cell.length_a   94.15
_cell.length_b   94.15
_cell.length_c   126.10
_cell.angle_alpha   90.00
_cell.angle_beta   90.00
_cell.angle_gamma   90.00
#
_symmetry.space_group_name_H-M   'P 43 21 2'
#
loop_
_entity.id
_entity.type
_entity.pdbx_description
1 polymer 'Cathepsin L2'
2 polymer 'KKYDAFLA Peptide'
3 non-polymer 'CHLORIDE ION'
4 non-polymer (4S)-2-METHYL-2,4-PENTANEDIOL
5 non-polymer GLYCEROL
6 water water
#
loop_
_entity_poly.entity_id
_entity_poly.type
_entity_poly.pdbx_seq_one_letter_code
_entity_poly.pdbx_strand_id
1 'polypeptide(L)'
;DLPKSVDWRKKGYVTPVKNQKQCGSAWAFSATGALEGQMFRKTGKLVSLSEQNLVDCSRPQGNQGCNGGFMARAFQYVKE
NGGLDSEESYPYVAVDEICKYRPENSVAQDTGFTVVAPGKEKALMKAVATVGPISVAMDAGHSSFQFYKSGIYFEPDCSS
KNLDHGVLVVGYGFEGANSQNSKYWLVKNSWGPEWGSNGYVKIAKDKNNHCGIATAASYPNV
;
AA,BA
2 'polypeptide(L)' (ACE)KKYDAFLA(NH2) PA,PB
#
loop_
_chem_comp.id
_chem_comp.type
_chem_comp.name
_chem_comp.formula
ACE non-polymer 'ACETYL GROUP' 'C2 H4 O'
CL non-polymer 'CHLORIDE ION' 'Cl -1'
GOL non-polymer GLYCEROL 'C3 H8 O3'
MPD non-polymer (4S)-2-METHYL-2,4-PENTANEDIOL 'C6 H14 O2'
NH2 non-polymer 'AMINO GROUP' 'H2 N'
#
# COMPACT_ATOMS: atom_id res chain seq x y z
N ASP A 1 -7.70 23.03 11.72
CA ASP A 1 -6.81 22.12 12.51
C ASP A 1 -6.45 20.71 11.88
N LEU A 2 -6.88 19.53 12.52
CA LEU A 2 -6.52 18.16 12.05
C LEU A 2 -7.21 17.69 10.75
N PRO A 3 -6.49 17.02 9.80
CA PRO A 3 -7.17 16.56 8.58
C PRO A 3 -8.22 15.55 8.82
N LYS A 4 -9.24 15.51 7.91
CA LYS A 4 -10.33 14.56 8.00
C LYS A 4 -9.79 13.16 7.71
N SER A 5 -8.65 13.06 6.96
CA SER A 5 -8.06 11.76 6.68
C SER A 5 -6.55 11.86 6.53
N VAL A 6 -5.87 10.76 6.83
CA VAL A 6 -4.42 10.63 6.70
C VAL A 6 -4.06 9.26 6.20
N ASP A 7 -3.09 9.18 5.27
CA ASP A 7 -2.59 7.89 4.82
C ASP A 7 -1.11 8.04 4.48
N TRP A 8 -0.22 7.72 5.45
CA TRP A 8 1.21 7.87 5.19
C TRP A 8 1.72 6.98 4.08
N ARG A 9 1.03 5.89 3.80
CA ARG A 9 1.48 5.01 2.70
C ARG A 9 1.52 5.77 1.36
N LYS A 10 0.66 6.78 1.24
CA LYS A 10 0.57 7.53 0.00
C LYS A 10 1.66 8.55 -0.18
N LYS A 11 2.49 8.74 0.85
CA LYS A 11 3.60 9.71 0.85
C LYS A 11 4.95 9.06 0.95
N GLY A 12 4.99 7.72 0.89
CA GLY A 12 6.27 7.01 0.85
C GLY A 12 6.92 6.64 2.17
N TYR A 13 6.15 6.76 3.28
CA TYR A 13 6.65 6.45 4.61
C TYR A 13 6.59 5.01 5.00
N VAL A 14 5.93 4.15 4.21
CA VAL A 14 5.67 2.77 4.65
C VAL A 14 6.19 1.73 3.75
N THR A 15 6.93 0.79 4.30
CA THR A 15 7.44 -0.34 3.51
C THR A 15 6.33 -1.37 3.21
N PRO A 16 6.51 -2.26 2.23
CA PRO A 16 5.48 -3.26 1.94
C PRO A 16 5.27 -4.16 3.15
N VAL A 17 4.12 -4.76 3.22
CA VAL A 17 3.74 -5.63 4.36
C VAL A 17 4.69 -6.81 4.50
N LYS A 18 5.08 -7.06 5.76
CA LYS A 18 5.99 -8.11 6.16
C LYS A 18 5.23 -9.25 6.86
N ASN A 19 5.92 -10.37 7.13
CA ASN A 19 5.29 -11.54 7.77
C ASN A 19 6.16 -12.05 8.93
N GLN A 20 5.64 -11.94 10.16
CA GLN A 20 6.38 -12.42 11.31
C GLN A 20 6.41 -13.97 11.39
N LYS A 21 5.56 -14.65 10.61
CA LYS A 21 5.46 -16.12 10.67
C LYS A 21 5.25 -16.65 12.10
N GLN A 22 5.86 -17.82 12.44
CA GLN A 22 5.60 -18.49 13.73
C GLN A 22 6.54 -18.01 14.81
N CYS A 23 6.46 -16.75 15.10
CA CYS A 23 7.33 -16.14 16.09
C CYS A 23 6.55 -14.96 16.70
N GLY A 24 6.52 -14.80 18.05
CA GLY A 24 5.78 -13.67 18.62
C GLY A 24 6.59 -12.39 18.56
N SER A 25 6.90 -11.92 17.35
CA SER A 25 7.74 -10.73 17.14
C SER A 25 6.96 -9.55 16.60
N ALA A 26 5.63 -9.53 16.80
CA ALA A 26 4.85 -8.40 16.24
C ALA A 26 5.36 -7.10 16.82
N TRP A 27 5.76 -7.12 18.12
CA TRP A 27 6.28 -5.90 18.67
C TRP A 27 7.47 -5.37 17.87
N ALA A 28 8.31 -6.28 17.32
CA ALA A 28 9.48 -5.87 16.58
C ALA A 28 9.10 -5.27 15.23
N PHE A 29 8.07 -5.85 14.55
CA PHE A 29 7.57 -5.30 13.27
C PHE A 29 6.91 -3.94 13.46
N SER A 30 6.22 -3.79 14.57
CA SER A 30 5.58 -2.50 14.88
C SER A 30 6.67 -1.46 15.12
N ALA A 31 7.73 -1.86 15.90
CA ALA A 31 8.79 -0.87 16.16
C ALA A 31 9.54 -0.51 14.88
N THR A 32 9.87 -1.53 14.01
CA THR A 32 10.63 -1.18 12.82
C THR A 32 9.72 -0.35 11.87
N GLY A 33 8.40 -0.61 11.88
CA GLY A 33 7.54 0.18 10.98
C GLY A 33 7.50 1.63 11.43
N ALA A 34 7.48 1.87 12.74
CA ALA A 34 7.48 3.27 13.18
C ALA A 34 8.83 3.98 12.91
N LEU A 35 9.93 3.29 13.16
CA LEU A 35 11.26 3.85 12.87
C LEU A 35 11.47 4.06 11.36
N GLU A 36 10.91 3.14 10.52
CA GLU A 36 11.04 3.34 9.09
C GLU A 36 10.39 4.67 8.68
N GLY A 37 9.24 4.94 9.23
CA GLY A 37 8.60 6.18 8.84
C GLY A 37 9.31 7.43 9.38
N GLN A 38 9.85 7.36 10.64
CA GLN A 38 10.52 8.56 11.15
C GLN A 38 11.84 8.80 10.40
N MET A 39 12.51 7.72 10.01
CA MET A 39 13.75 7.91 9.26
C MET A 39 13.44 8.46 7.88
N PHE A 40 12.32 7.99 7.28
CA PHE A 40 11.95 8.57 5.98
C PHE A 40 11.67 10.07 6.13
N ARG A 41 10.93 10.46 7.19
CA ARG A 41 10.62 11.88 7.42
C ARG A 41 11.91 12.70 7.54
N LYS A 42 12.86 12.14 8.27
CA LYS A 42 14.15 12.83 8.50
C LYS A 42 15.10 12.90 7.31
N THR A 43 15.16 11.85 6.47
CA THR A 43 16.13 11.81 5.39
C THR A 43 15.58 11.71 3.99
N GLY A 44 14.29 11.45 3.84
CA GLY A 44 13.73 11.30 2.51
C GLY A 44 14.02 9.92 1.94
N LYS A 45 14.64 9.01 2.76
CA LYS A 45 14.96 7.70 2.21
C LYS A 45 14.24 6.59 2.98
N LEU A 46 13.57 5.71 2.24
CA LEU A 46 12.80 4.62 2.85
C LEU A 46 13.67 3.39 2.86
N VAL A 47 14.02 2.93 4.03
CA VAL A 47 14.90 1.77 4.13
C VAL A 47 14.29 0.73 5.09
N SER A 48 14.09 -0.49 4.64
CA SER A 48 13.51 -1.56 5.48
C SER A 48 14.47 -1.87 6.63
N LEU A 49 13.93 -2.03 7.86
CA LEU A 49 14.77 -2.20 9.04
C LEU A 49 14.66 -3.61 9.57
N SER A 50 15.67 -4.04 10.34
CA SER A 50 15.73 -5.44 10.77
C SER A 50 14.99 -5.81 12.03
N GLU A 51 13.87 -6.51 11.86
CA GLU A 51 13.17 -7.06 13.02
C GLU A 51 14.06 -8.12 13.73
N GLN A 52 14.83 -8.89 12.96
CA GLN A 52 15.65 -9.95 13.59
C GLN A 52 16.68 -9.33 14.52
N ASN A 53 17.18 -8.14 14.14
CA ASN A 53 18.17 -7.45 14.98
C ASN A 53 17.55 -7.17 16.32
N LEU A 54 16.26 -6.73 16.32
CA LEU A 54 15.56 -6.50 17.60
C LEU A 54 15.29 -7.83 18.40
N VAL A 55 14.84 -8.85 17.72
CA VAL A 55 14.50 -10.15 18.38
C VAL A 55 15.79 -10.72 19.07
N ASP A 56 16.90 -10.70 18.34
CA ASP A 56 18.10 -11.33 18.92
C ASP A 56 18.85 -10.52 19.95
N CYS A 57 18.78 -9.18 19.84
CA CYS A 57 19.62 -8.33 20.66
C CYS A 57 18.95 -7.52 21.77
N SER A 58 17.61 -7.49 21.88
CA SER A 58 17.08 -6.57 22.90
C SER A 58 16.60 -7.22 24.19
N ARG A 59 17.09 -8.45 24.50
CA ARG A 59 16.77 -9.09 25.77
C ARG A 59 17.22 -8.20 26.94
N PRO A 60 18.39 -7.57 26.89
CA PRO A 60 18.72 -6.73 28.09
C PRO A 60 17.68 -5.64 28.43
N GLN A 61 17.00 -5.13 27.39
CA GLN A 61 15.97 -4.07 27.56
C GLN A 61 14.61 -4.63 28.00
N GLY A 62 14.50 -5.96 28.19
CA GLY A 62 13.24 -6.54 28.64
C GLY A 62 12.43 -7.23 27.56
N ASN A 63 12.94 -7.34 26.31
CA ASN A 63 12.16 -8.10 25.30
C ASN A 63 12.53 -9.58 25.42
N GLN A 64 11.69 -10.47 24.87
CA GLN A 64 11.93 -11.92 24.98
C GLN A 64 11.85 -12.58 23.61
N GLY A 65 12.32 -11.85 22.59
CA GLY A 65 12.38 -12.37 21.23
C GLY A 65 11.10 -12.90 20.64
N CYS A 66 11.11 -14.21 20.23
CA CYS A 66 9.92 -14.84 19.64
C CYS A 66 8.87 -15.11 20.73
N ASN A 67 9.21 -14.88 22.02
CA ASN A 67 8.23 -15.04 23.11
C ASN A 67 7.53 -13.72 23.47
N GLY A 68 7.79 -12.64 22.72
CA GLY A 68 7.11 -11.37 22.98
C GLY A 68 8.06 -10.24 23.37
N GLY A 69 7.50 -9.05 23.45
CA GLY A 69 8.29 -7.87 23.72
C GLY A 69 7.40 -6.64 23.61
N PHE A 70 7.99 -5.46 23.65
CA PHE A 70 7.24 -4.20 23.58
C PHE A 70 7.95 -3.20 22.71
N MET A 71 7.18 -2.42 21.93
CA MET A 71 7.83 -1.45 21.05
C MET A 71 8.66 -0.43 21.84
N ALA A 72 8.21 -0.02 23.05
CA ALA A 72 9.02 1.02 23.74
C ALA A 72 10.41 0.44 24.15
N ARG A 73 10.46 -0.84 24.52
CA ARG A 73 11.74 -1.49 24.91
C ARG A 73 12.60 -1.58 23.69
N ALA A 74 11.96 -1.78 22.50
CA ALA A 74 12.74 -1.81 21.28
C ALA A 74 13.32 -0.49 20.94
N PHE A 75 12.53 0.59 21.11
CA PHE A 75 13.12 1.93 20.80
C PHE A 75 14.26 2.22 21.86
N GLN A 76 14.04 1.73 23.06
CA GLN A 76 15.08 1.96 24.13
C GLN A 76 16.33 1.22 23.70
N TYR A 77 16.17 -0.04 23.18
CA TYR A 77 17.35 -0.76 22.71
C TYR A 77 18.04 0.00 21.57
N VAL A 78 17.28 0.56 20.63
CA VAL A 78 17.96 1.28 19.49
C VAL A 78 18.72 2.48 20.05
N LYS A 79 18.15 3.10 21.11
CA LYS A 79 18.83 4.24 21.67
C LYS A 79 20.09 3.83 22.38
N GLU A 80 20.01 2.80 23.24
CA GLU A 80 21.19 2.39 24.01
C GLU A 80 22.26 1.78 23.15
N ASN A 81 21.84 1.12 22.09
CA ASN A 81 22.73 0.43 21.14
C ASN A 81 23.41 1.33 20.19
N GLY A 82 22.87 2.55 20.02
CA GLY A 82 23.42 3.49 19.07
C GLY A 82 23.09 3.20 17.63
N GLY A 83 22.21 2.21 17.35
CA GLY A 83 21.89 1.97 15.94
C GLY A 83 20.99 0.75 15.75
N LEU A 84 20.60 0.52 14.50
CA LEU A 84 19.78 -0.61 14.16
C LEU A 84 20.09 -0.96 12.71
N ASP A 85 20.33 -2.24 12.45
CA ASP A 85 20.67 -2.64 11.10
C ASP A 85 19.49 -2.75 10.12
N SER A 86 19.81 -2.70 8.85
CA SER A 86 18.81 -2.85 7.76
C SER A 86 18.30 -4.30 7.62
N GLU A 87 17.06 -4.48 7.06
CA GLU A 87 16.40 -5.76 6.85
C GLU A 87 17.29 -6.60 5.96
N GLU A 88 17.89 -5.94 5.00
CA GLU A 88 18.74 -6.60 4.05
C GLU A 88 20.02 -7.13 4.68
N SER A 89 20.63 -6.35 5.55
CA SER A 89 21.89 -6.78 6.17
C SER A 89 21.73 -7.81 7.30
N TYR A 90 20.58 -7.84 7.96
CA TYR A 90 20.31 -8.72 9.13
C TYR A 90 18.86 -9.26 8.86
N PRO A 91 18.72 -10.24 7.96
CA PRO A 91 17.47 -10.85 7.53
C PRO A 91 16.69 -11.58 8.59
N TYR A 92 15.38 -11.61 8.38
CA TYR A 92 14.47 -12.20 9.34
C TYR A 92 14.31 -13.72 9.15
N VAL A 93 14.42 -14.49 10.23
CA VAL A 93 14.30 -15.97 10.11
C VAL A 93 13.28 -16.51 11.09
N ALA A 94 12.65 -15.62 11.88
CA ALA A 94 11.53 -16.02 12.78
C ALA A 94 11.87 -17.04 13.85
N VAL A 95 13.12 -17.01 14.33
CA VAL A 95 13.51 -17.88 15.44
C VAL A 95 14.51 -17.07 16.29
N ASP A 96 14.60 -17.34 17.58
CA ASP A 96 15.57 -16.62 18.41
C ASP A 96 16.97 -17.01 18.02
N GLU A 97 17.86 -16.03 17.72
CA GLU A 97 19.22 -16.37 17.34
C GLU A 97 20.22 -15.48 18.06
N ILE A 98 21.49 -15.73 17.82
CA ILE A 98 22.57 -14.92 18.45
C ILE A 98 22.59 -13.53 17.95
N CYS A 99 22.79 -12.58 18.84
CA CYS A 99 22.85 -11.18 18.40
C CYS A 99 24.02 -10.98 17.46
N LYS A 100 23.75 -10.50 16.21
CA LYS A 100 24.79 -10.25 15.22
C LYS A 100 24.74 -8.80 14.79
N TYR A 101 24.44 -7.92 15.76
CA TYR A 101 24.38 -6.48 15.38
C TYR A 101 25.73 -5.97 14.90
N ARG A 102 25.73 -5.30 13.75
CA ARG A 102 26.90 -4.76 13.10
C ARG A 102 26.77 -3.27 12.95
N PRO A 103 27.52 -2.48 13.71
CA PRO A 103 27.35 -1.03 13.55
C PRO A 103 27.56 -0.51 12.15
N GLU A 104 28.45 -1.14 11.36
CA GLU A 104 28.73 -0.61 10.03
C GLU A 104 27.51 -0.76 9.15
N ASN A 105 26.58 -1.65 9.57
CA ASN A 105 25.35 -1.88 8.79
C ASN A 105 24.13 -1.10 9.29
N SER A 106 24.32 -0.30 10.33
CA SER A 106 23.25 0.50 10.87
C SER A 106 22.72 1.55 9.93
N VAL A 107 21.36 1.72 9.85
CA VAL A 107 20.78 2.74 8.97
C VAL A 107 19.74 3.55 9.75
N ALA A 108 19.65 3.32 11.05
CA ALA A 108 18.72 4.12 11.82
C ALA A 108 19.19 4.33 13.23
N GLN A 109 18.72 5.43 13.85
CA GLN A 109 19.01 5.75 15.25
C GLN A 109 17.84 6.45 15.87
N ASP A 110 17.70 6.39 17.21
CA ASP A 110 16.69 7.19 17.90
C ASP A 110 17.26 7.60 19.26
N THR A 111 16.71 8.67 19.81
CA THR A 111 17.18 9.22 21.08
C THR A 111 16.29 8.80 22.22
N GLY A 112 15.29 7.98 21.90
CA GLY A 112 14.30 7.60 22.91
C GLY A 112 12.97 7.60 22.17
N PHE A 113 11.85 7.78 22.87
CA PHE A 113 10.55 7.71 22.19
C PHE A 113 9.57 8.60 22.88
N THR A 114 8.49 8.93 22.19
CA THR A 114 7.39 9.72 22.75
C THR A 114 6.18 8.85 22.96
N VAL A 115 5.53 8.99 24.12
CA VAL A 115 4.33 8.26 24.46
C VAL A 115 3.08 9.09 24.16
N VAL A 116 2.05 8.44 23.59
CA VAL A 116 0.78 9.10 23.35
C VAL A 116 0.00 8.97 24.64
N ALA A 117 -0.75 9.99 25.02
CA ALA A 117 -1.47 9.86 26.30
C ALA A 117 -2.33 8.61 26.26
N PRO A 118 -2.19 7.73 27.27
CA PRO A 118 -2.99 6.50 27.22
C PRO A 118 -4.51 6.63 27.17
N GLY A 119 -5.14 5.81 26.30
CA GLY A 119 -6.59 5.80 26.19
C GLY A 119 -7.13 7.00 25.44
N LYS A 120 -6.25 7.91 24.99
CA LYS A 120 -6.78 9.09 24.29
C LYS A 120 -6.72 9.04 22.75
N GLU A 121 -7.84 8.64 22.13
CA GLU A 121 -7.90 8.54 20.67
C GLU A 121 -7.66 9.88 19.99
N LYS A 122 -8.01 11.00 20.63
CA LYS A 122 -7.75 12.25 19.94
C LYS A 122 -6.31 12.59 19.99
N ALA A 123 -5.61 12.19 21.10
CA ALA A 123 -4.20 12.47 21.12
C ALA A 123 -3.53 11.57 20.09
N LEU A 124 -4.08 10.37 19.93
CA LEU A 124 -3.48 9.51 18.90
C LEU A 124 -3.73 10.07 17.49
N MET A 125 -4.89 10.71 17.31
CA MET A 125 -5.20 11.27 15.99
C MET A 125 -4.21 12.39 15.66
N LYS A 126 -3.88 13.18 16.68
CA LYS A 126 -2.95 14.27 16.48
C LYS A 126 -1.55 13.76 16.19
N ALA A 127 -1.13 12.71 16.89
CA ALA A 127 0.19 12.14 16.64
C ALA A 127 0.29 11.59 15.21
N VAL A 128 -0.70 10.85 14.80
CA VAL A 128 -0.70 10.26 13.45
C VAL A 128 -0.65 11.41 12.41
N ALA A 129 -1.48 12.46 12.60
CA ALA A 129 -1.49 13.54 11.65
C ALA A 129 -0.21 14.36 11.59
N THR A 130 0.49 14.54 12.72
CA THR A 130 1.64 15.43 12.64
C THR A 130 3.00 14.77 12.62
N VAL A 131 3.07 13.48 12.98
CA VAL A 131 4.37 12.79 13.08
C VAL A 131 4.65 11.78 11.98
N GLY A 132 3.68 10.91 11.74
CA GLY A 132 3.83 9.85 10.76
C GLY A 132 3.24 8.57 11.41
N PRO A 133 3.56 7.40 10.89
CA PRO A 133 3.00 6.16 11.50
C PRO A 133 3.40 6.00 12.97
N ILE A 134 2.48 5.45 13.72
CA ILE A 134 2.61 5.34 15.17
C ILE A 134 2.49 3.87 15.60
N SER A 135 3.43 3.40 16.43
CA SER A 135 3.34 2.01 17.01
C SER A 135 2.21 1.93 17.99
N VAL A 136 1.39 0.91 17.96
CA VAL A 136 0.34 0.79 18.91
C VAL A 136 0.17 -0.70 19.30
N ALA A 137 -0.42 -0.94 20.48
CA ALA A 137 -0.74 -2.31 20.90
C ALA A 137 -2.25 -2.49 20.74
N MET A 138 -2.71 -3.71 20.52
CA MET A 138 -4.14 -3.91 20.39
C MET A 138 -4.51 -5.30 20.87
N ASP A 139 -5.82 -5.52 21.12
CA ASP A 139 -6.34 -6.85 21.45
C ASP A 139 -6.67 -7.48 20.12
N ALA A 140 -5.81 -8.40 19.67
CA ALA A 140 -6.00 -9.12 18.39
C ALA A 140 -6.38 -10.62 18.61
N GLY A 141 -6.63 -11.04 19.87
CA GLY A 141 -6.90 -12.43 20.22
C GLY A 141 -8.31 -12.89 19.88
N HIS A 142 -8.71 -12.75 18.61
CA HIS A 142 -10.05 -13.18 18.22
C HIS A 142 -10.06 -13.76 16.83
N SER A 143 -10.92 -14.76 16.63
CA SER A 143 -11.12 -15.41 15.34
C SER A 143 -11.60 -14.40 14.32
N SER A 144 -12.38 -13.42 14.76
CA SER A 144 -12.84 -12.40 13.84
C SER A 144 -11.66 -11.61 13.28
N PHE A 145 -10.58 -11.46 14.09
CA PHE A 145 -9.41 -10.73 13.57
C PHE A 145 -8.59 -11.61 12.67
N GLN A 146 -8.47 -12.85 13.07
CA GLN A 146 -7.70 -13.79 12.27
C GLN A 146 -8.26 -13.95 10.87
N PHE A 147 -9.61 -13.94 10.76
CA PHE A 147 -10.25 -14.13 9.46
C PHE A 147 -10.76 -12.83 8.91
N TYR A 148 -10.28 -11.68 9.44
CA TYR A 148 -10.78 -10.43 8.90
C TYR A 148 -10.45 -10.28 7.40
N LYS A 149 -11.33 -9.67 6.65
CA LYS A 149 -11.09 -9.53 5.23
C LYS A 149 -11.33 -8.13 4.74
N SER A 150 -12.41 -7.46 5.16
CA SER A 150 -12.62 -6.10 4.67
C SER A 150 -13.61 -5.33 5.52
N GLY A 151 -13.72 -4.04 5.29
CA GLY A 151 -14.63 -3.20 6.05
C GLY A 151 -14.04 -2.75 7.36
N ILE A 152 -14.86 -2.09 8.19
CA ILE A 152 -14.42 -1.62 9.48
C ILE A 152 -14.54 -2.71 10.54
N TYR A 153 -13.38 -3.17 11.05
CA TYR A 153 -13.38 -4.20 12.08
C TYR A 153 -13.99 -3.70 13.39
N PHE A 154 -14.86 -4.51 13.96
CA PHE A 154 -15.47 -4.23 15.26
C PHE A 154 -15.78 -5.56 15.90
N GLU A 155 -15.30 -5.75 17.13
CA GLU A 155 -15.45 -7.00 17.82
C GLU A 155 -15.95 -6.73 19.23
N PRO A 156 -17.16 -7.16 19.55
CA PRO A 156 -17.72 -6.93 20.89
C PRO A 156 -16.88 -7.45 22.02
N ASP A 157 -16.14 -8.51 21.79
CA ASP A 157 -15.34 -9.12 22.84
C ASP A 157 -13.98 -8.47 22.97
N CYS A 158 -13.71 -7.38 22.24
CA CYS A 158 -12.42 -6.73 22.32
C CYS A 158 -12.16 -6.00 23.63
N SER A 159 -10.91 -6.05 24.09
CA SER A 159 -10.49 -5.38 25.29
C SER A 159 -9.67 -4.12 24.95
N SER A 160 -9.89 -3.03 25.70
CA SER A 160 -9.12 -1.80 25.53
C SER A 160 -7.94 -1.77 26.52
N LYS A 161 -7.87 -2.79 27.37
CA LYS A 161 -6.84 -2.88 28.42
C LYS A 161 -5.91 -4.08 28.35
N ASN A 162 -6.42 -5.27 28.11
CA ASN A 162 -5.51 -6.42 28.05
C ASN A 162 -5.21 -6.69 26.58
N LEU A 163 -4.04 -6.20 26.15
CA LEU A 163 -3.60 -6.28 24.75
C LEU A 163 -2.58 -7.36 24.50
N ASP A 164 -2.53 -7.88 23.28
CA ASP A 164 -1.62 -8.97 23.02
C ASP A 164 -0.89 -8.86 21.69
N HIS A 165 -0.97 -7.71 21.03
CA HIS A 165 -0.39 -7.64 19.69
C HIS A 165 0.03 -6.25 19.30
N GLY A 166 1.24 -6.11 18.80
CA GLY A 166 1.71 -4.79 18.37
C GLY A 166 1.47 -4.58 16.89
N VAL A 167 0.98 -3.37 16.49
CA VAL A 167 0.75 -3.10 15.06
C VAL A 167 1.16 -1.67 14.78
N LEU A 168 0.82 -1.16 13.62
CA LEU A 168 1.25 0.17 13.22
C LEU A 168 0.09 0.99 12.61
N VAL A 169 -0.23 2.15 13.21
CA VAL A 169 -1.32 2.97 12.67
C VAL A 169 -0.64 3.86 11.60
N VAL A 170 -0.98 3.67 10.33
CA VAL A 170 -0.41 4.46 9.22
C VAL A 170 -1.34 5.60 8.80
N GLY A 171 -2.50 5.72 9.45
CA GLY A 171 -3.40 6.81 9.08
C GLY A 171 -4.77 6.60 9.69
N TYR A 172 -5.76 7.34 9.20
CA TYR A 172 -7.16 7.21 9.68
C TYR A 172 -8.06 7.77 8.60
N GLY A 173 -9.32 7.46 8.67
CA GLY A 173 -10.17 7.92 7.60
C GLY A 173 -11.62 7.73 7.98
N PHE A 174 -12.46 7.73 6.96
CA PHE A 174 -13.87 7.56 7.17
C PHE A 174 -14.50 7.06 5.91
N GLU A 175 -15.62 6.40 6.06
CA GLU A 175 -16.34 5.95 4.91
C GLU A 175 -17.50 6.87 4.65
N GLY A 176 -17.86 7.05 3.37
CA GLY A 176 -18.95 7.95 3.02
C GLY A 176 -18.50 9.40 2.90
N ALA A 177 -19.46 10.33 2.88
CA ALA A 177 -19.12 11.75 2.70
C ALA A 177 -18.95 12.51 4.01
N ASN A 178 -19.58 12.07 5.09
CA ASN A 178 -19.44 12.78 6.36
C ASN A 178 -18.14 12.35 6.99
N SER A 179 -17.21 13.28 7.16
CA SER A 179 -15.91 12.94 7.70
C SER A 179 -15.97 12.48 9.15
N GLN A 180 -17.08 12.77 9.82
CA GLN A 180 -17.21 12.42 11.21
C GLN A 180 -18.05 11.16 11.40
N ASN A 181 -18.25 10.39 10.31
N ASN A 181 -18.19 10.37 10.28
CA ASN A 181 -19.06 9.16 10.40
CA ASN A 181 -19.03 9.18 10.27
C ASN A 181 -18.36 7.92 9.92
C ASN A 181 -18.36 7.89 9.86
N SER A 182 -18.50 6.80 10.68
CA SER A 182 -17.90 5.52 10.38
C SER A 182 -16.42 5.68 10.14
N LYS A 183 -15.77 6.31 11.10
CA LYS A 183 -14.36 6.55 11.08
C LYS A 183 -13.56 5.29 11.37
N TYR A 184 -12.30 5.25 10.89
CA TYR A 184 -11.49 4.08 11.18
C TYR A 184 -10.05 4.47 11.28
N TRP A 185 -9.29 3.60 11.94
CA TRP A 185 -7.84 3.71 12.01
C TRP A 185 -7.30 2.83 10.93
N LEU A 186 -6.33 3.30 10.14
CA LEU A 186 -5.72 2.49 9.11
C LEU A 186 -4.52 1.75 9.77
N VAL A 187 -4.55 0.43 9.80
CA VAL A 187 -3.55 -0.32 10.56
C VAL A 187 -2.84 -1.33 9.75
N LYS A 188 -1.49 -1.25 9.78
CA LYS A 188 -0.60 -2.18 9.11
C LYS A 188 -0.33 -3.38 10.04
N ASN A 189 -0.63 -4.59 9.58
CA ASN A 189 -0.35 -5.81 10.38
C ASN A 189 0.96 -6.47 9.90
N SER A 190 1.45 -7.49 10.58
CA SER A 190 2.67 -8.20 10.20
C SER A 190 2.38 -9.70 9.98
N TRP A 191 1.25 -10.01 9.32
CA TRP A 191 0.93 -11.40 9.04
C TRP A 191 0.94 -11.65 7.55
N GLY A 192 1.71 -10.85 6.82
CA GLY A 192 1.78 -10.99 5.36
C GLY A 192 0.72 -10.21 4.59
N PRO A 193 1.01 -9.85 3.33
CA PRO A 193 0.07 -9.11 2.46
C PRO A 193 -1.23 -9.89 2.21
N GLU A 194 -1.10 -11.23 2.29
CA GLU A 194 -2.22 -12.13 2.13
C GLU A 194 -3.26 -12.04 3.25
N TRP A 195 -2.84 -11.62 4.47
CA TRP A 195 -3.83 -11.51 5.54
C TRP A 195 -4.69 -10.28 5.38
N GLY A 196 -5.94 -10.35 5.83
CA GLY A 196 -6.80 -9.17 5.79
C GLY A 196 -6.92 -8.45 4.47
N SER A 197 -6.87 -7.12 4.52
CA SER A 197 -7.00 -6.32 3.31
C SER A 197 -5.59 -5.90 2.82
N ASN A 198 -4.94 -6.74 1.99
CA ASN A 198 -3.57 -6.45 1.52
C ASN A 198 -2.60 -6.27 2.72
N GLY A 199 -2.92 -6.94 3.81
CA GLY A 199 -2.06 -6.91 5.02
C GLY A 199 -2.46 -5.90 6.05
N TYR A 200 -3.49 -5.13 5.70
CA TYR A 200 -4.06 -4.06 6.49
C TYR A 200 -5.44 -4.36 7.03
N VAL A 201 -5.85 -3.52 8.02
CA VAL A 201 -7.20 -3.65 8.60
C VAL A 201 -7.66 -2.26 9.01
N LYS A 202 -8.96 -1.96 8.77
CA LYS A 202 -9.53 -0.73 9.24
C LYS A 202 -10.16 -1.03 10.60
N ILE A 203 -9.70 -0.35 11.64
CA ILE A 203 -10.26 -0.58 12.96
C ILE A 203 -11.16 0.56 13.35
N ALA A 204 -12.36 0.24 13.88
CA ALA A 204 -13.33 1.28 14.25
C ALA A 204 -12.66 2.36 15.07
N LYS A 205 -12.82 3.61 14.61
CA LYS A 205 -12.21 4.76 15.29
C LYS A 205 -13.24 5.59 16.06
N ASP A 206 -12.82 6.10 17.22
CA ASP A 206 -13.64 6.92 18.10
C ASP A 206 -14.90 6.17 18.59
N LYS A 207 -14.71 4.88 18.89
CA LYS A 207 -15.74 4.01 19.42
C LYS A 207 -15.20 3.45 20.72
N ASN A 208 -14.87 4.37 21.64
CA ASN A 208 -14.35 4.04 22.94
C ASN A 208 -13.06 3.28 22.92
N ASN A 209 -12.09 3.73 22.11
CA ASN A 209 -10.76 3.12 22.11
C ASN A 209 -10.90 1.62 21.85
N HIS A 210 -11.60 1.28 20.76
CA HIS A 210 -11.87 -0.10 20.48
C HIS A 210 -10.58 -0.92 20.30
N CYS A 211 -10.53 -2.11 20.94
CA CYS A 211 -9.38 -2.99 20.90
C CYS A 211 -8.10 -2.34 21.52
N GLY A 212 -8.24 -1.20 22.22
CA GLY A 212 -7.12 -0.56 22.93
C GLY A 212 -6.14 0.14 22.00
N ILE A 213 -6.56 0.49 20.77
N ILE A 213 -6.50 0.52 20.73
CA ILE A 213 -5.57 1.08 19.85
CA ILE A 213 -5.46 1.12 19.87
C ILE A 213 -4.86 2.33 20.43
C ILE A 213 -4.79 2.34 20.47
N ALA A 214 -5.55 3.13 21.27
CA ALA A 214 -4.85 4.29 21.82
C ALA A 214 -4.36 4.08 23.26
N THR A 215 -4.44 2.85 23.76
CA THR A 215 -3.99 2.58 25.13
C THR A 215 -2.45 2.66 25.31
N ALA A 216 -1.68 2.26 24.31
CA ALA A 216 -0.22 2.22 24.50
C ALA A 216 0.50 2.53 23.21
N ALA A 217 0.31 3.75 22.74
CA ALA A 217 0.90 4.20 21.49
C ALA A 217 2.16 4.97 21.73
N SER A 218 3.13 4.81 20.81
CA SER A 218 4.37 5.57 20.99
C SER A 218 5.11 5.67 19.66
N TYR A 219 6.07 6.60 19.54
CA TYR A 219 6.86 6.68 18.30
C TYR A 219 8.29 7.02 18.65
N PRO A 220 9.27 6.55 17.86
CA PRO A 220 10.68 6.86 18.13
C PRO A 220 11.02 8.34 17.87
N ASN A 221 11.98 8.88 18.58
CA ASN A 221 12.43 10.26 18.35
C ASN A 221 13.70 10.18 17.55
N VAL A 222 13.68 10.64 16.28
CA VAL A 222 14.90 10.52 15.49
C VAL A 222 15.62 11.86 15.35
N LEU B 2 13.22 -15.22 -18.14
CA LEU B 2 12.42 -14.35 -17.28
C LEU B 2 11.95 -15.07 -16.01
N PRO B 3 11.72 -14.32 -14.92
CA PRO B 3 11.26 -14.95 -13.67
C PRO B 3 9.90 -15.65 -13.84
N LYS B 4 9.65 -16.75 -13.08
CA LYS B 4 8.40 -17.45 -13.19
C LYS B 4 7.30 -16.63 -12.54
N SER B 5 7.67 -15.69 -11.68
CA SER B 5 6.65 -14.86 -11.05
C SER B 5 7.19 -13.49 -10.69
N VAL B 6 6.28 -12.52 -10.58
CA VAL B 6 6.71 -11.15 -10.32
C VAL B 6 5.64 -10.45 -9.55
N ASP B 7 6.02 -9.66 -8.52
CA ASP B 7 5.02 -8.88 -7.77
C ASP B 7 5.64 -7.58 -7.30
N TRP B 8 5.40 -6.48 -8.06
CA TRP B 8 5.95 -5.17 -7.75
C TRP B 8 5.41 -4.63 -6.45
N ARG B 9 4.27 -5.16 -5.97
CA ARG B 9 3.83 -4.67 -4.66
C ARG B 9 4.90 -4.97 -3.55
N LYS B 10 5.61 -6.09 -3.71
CA LYS B 10 6.61 -6.46 -2.68
C LYS B 10 7.87 -5.62 -2.74
N LYS B 11 8.06 -4.86 -3.85
CA LYS B 11 9.24 -4.03 -4.00
C LYS B 11 9.01 -2.53 -3.79
N GLY B 12 7.83 -2.15 -3.27
CA GLY B 12 7.57 -0.75 -3.01
C GLY B 12 7.07 0.13 -4.16
N TYR B 13 6.74 -0.47 -5.32
CA TYR B 13 6.27 0.25 -6.50
C TYR B 13 4.79 0.64 -6.52
N VAL B 14 3.97 0.11 -5.60
CA VAL B 14 2.53 0.29 -5.71
C VAL B 14 1.83 0.93 -4.53
N THR B 15 1.02 1.97 -4.83
CA THR B 15 0.25 2.66 -3.78
C THR B 15 -0.98 1.82 -3.39
N PRO B 16 -1.66 2.14 -2.29
CA PRO B 16 -2.83 1.36 -1.91
C PRO B 16 -3.92 1.36 -2.98
N VAL B 17 -4.86 0.42 -2.88
CA VAL B 17 -6.01 0.36 -3.83
C VAL B 17 -6.83 1.61 -3.69
N LYS B 18 -7.23 2.20 -4.82
CA LYS B 18 -8.02 3.44 -4.78
C LYS B 18 -9.45 3.13 -5.31
N ASN B 19 -10.30 4.13 -5.36
CA ASN B 19 -11.70 3.91 -5.79
C ASN B 19 -12.17 5.07 -6.65
N GLN B 20 -12.43 4.77 -7.91
CA GLN B 20 -12.87 5.78 -8.86
C GLN B 20 -14.32 6.20 -8.56
N LYS B 21 -15.07 5.37 -7.80
CA LYS B 21 -16.48 5.59 -7.49
C LYS B 21 -17.29 5.82 -8.79
N GLN B 22 -18.28 6.73 -8.80
CA GLN B 22 -19.19 6.88 -9.95
C GLN B 22 -18.72 7.90 -10.95
N CYS B 23 -17.64 7.54 -11.60
CA CYS B 23 -16.95 8.36 -12.54
C CYS B 23 -16.16 7.43 -13.51
N GLY B 24 -16.29 7.61 -14.86
CA GLY B 24 -15.59 6.74 -15.80
C GLY B 24 -14.16 7.18 -15.91
N SER B 25 -13.39 7.09 -14.77
CA SER B 25 -12.02 7.57 -14.82
C SER B 25 -10.99 6.48 -14.58
N ALA B 26 -11.35 5.25 -14.83
CA ALA B 26 -10.36 4.16 -14.59
C ALA B 26 -9.06 4.40 -15.40
N TRP B 27 -9.21 5.01 -16.59
CA TRP B 27 -8.02 5.34 -17.37
C TRP B 27 -7.07 6.24 -16.57
N ALA B 28 -7.61 7.13 -15.75
CA ALA B 28 -6.73 8.04 -14.93
C ALA B 28 -6.02 7.26 -13.82
N PHE B 29 -6.73 6.33 -13.19
CA PHE B 29 -6.11 5.49 -12.14
C PHE B 29 -5.03 4.55 -12.71
N SER B 30 -5.27 4.01 -13.88
CA SER B 30 -4.26 3.14 -14.51
C SER B 30 -3.03 3.97 -14.86
N ALA B 31 -3.25 5.21 -15.31
CA ALA B 31 -2.11 6.03 -15.64
C ALA B 31 -1.33 6.49 -14.40
N THR B 32 -2.04 6.92 -13.34
CA THR B 32 -1.27 7.35 -12.14
C THR B 32 -0.55 6.11 -11.56
N GLY B 33 -1.19 4.93 -11.63
CA GLY B 33 -0.54 3.74 -11.10
C GLY B 33 0.78 3.48 -11.85
N ALA B 34 0.77 3.61 -13.20
CA ALA B 34 2.02 3.34 -13.90
C ALA B 34 3.08 4.42 -13.62
N LEU B 35 2.63 5.68 -13.51
CA LEU B 35 3.54 6.79 -13.25
C LEU B 35 4.09 6.70 -11.83
N GLU B 36 3.26 6.15 -10.89
CA GLU B 36 3.72 5.97 -9.55
C GLU B 36 4.88 4.98 -9.49
N GLY B 37 4.78 3.88 -10.21
CA GLY B 37 5.87 2.93 -10.17
C GLY B 37 7.13 3.44 -10.87
N GLN B 38 6.99 4.19 -11.98
CA GLN B 38 8.18 4.70 -12.68
C GLN B 38 8.86 5.81 -11.85
N MET B 39 8.06 6.68 -11.19
CA MET B 39 8.68 7.69 -10.35
C MET B 39 9.36 7.05 -9.15
N PHE B 40 8.81 5.94 -8.65
CA PHE B 40 9.43 5.28 -7.54
C PHE B 40 10.77 4.67 -7.96
N ARG B 41 10.78 4.09 -9.15
CA ARG B 41 11.98 3.47 -9.63
C ARG B 41 13.10 4.49 -9.80
N LYS B 42 12.70 5.70 -10.16
CA LYS B 42 13.62 6.80 -10.38
C LYS B 42 14.10 7.51 -9.14
N THR B 43 13.22 7.67 -8.13
CA THR B 43 13.57 8.43 -6.95
C THR B 43 13.61 7.67 -5.64
N GLY B 44 13.03 6.46 -5.59
CA GLY B 44 12.98 5.73 -4.34
C GLY B 44 11.84 6.25 -3.47
N LYS B 45 11.05 7.21 -3.98
CA LYS B 45 9.95 7.74 -3.19
C LYS B 45 8.63 7.34 -3.84
N LEU B 46 7.77 6.69 -3.07
CA LEU B 46 6.45 6.24 -3.57
C LEU B 46 5.47 7.29 -3.19
N VAL B 47 4.93 8.02 -4.17
CA VAL B 47 4.02 9.12 -3.86
C VAL B 47 2.78 9.03 -4.70
N SER B 48 1.63 9.03 -4.03
CA SER B 48 0.35 8.93 -4.77
C SER B 48 0.11 10.16 -5.67
N LEU B 49 -0.34 9.92 -6.92
CA LEU B 49 -0.56 10.97 -7.88
C LEU B 49 -2.02 11.29 -8.05
N SER B 50 -2.30 12.48 -8.56
CA SER B 50 -3.67 12.96 -8.66
C SER B 50 -4.48 12.55 -9.86
N GLU B 51 -5.38 11.60 -9.68
CA GLU B 51 -6.28 11.28 -10.80
C GLU B 51 -7.18 12.51 -11.10
N GLN B 52 -7.52 13.30 -10.07
CA GLN B 52 -8.42 14.44 -10.30
C GLN B 52 -7.75 15.46 -11.24
N ASN B 53 -6.43 15.61 -11.12
CA ASN B 53 -5.63 16.50 -11.98
C ASN B 53 -5.82 16.03 -13.43
N LEU B 54 -5.70 14.70 -13.65
CA LEU B 54 -5.88 14.16 -15.01
C LEU B 54 -7.29 14.32 -15.53
N VAL B 55 -8.27 14.04 -14.65
CA VAL B 55 -9.66 14.13 -15.07
C VAL B 55 -10.02 15.60 -15.44
N ASP B 56 -9.61 16.54 -14.62
CA ASP B 56 -9.99 17.94 -14.86
C ASP B 56 -9.21 18.67 -15.94
N CYS B 57 -7.94 18.29 -16.14
CA CYS B 57 -7.07 19.04 -17.02
C CYS B 57 -6.68 18.44 -18.36
N SER B 58 -7.02 17.17 -18.66
CA SER B 58 -6.48 16.64 -19.91
C SER B 58 -7.42 16.56 -21.11
N ARG B 59 -8.50 17.36 -21.11
CA ARG B 59 -9.41 17.41 -22.22
C ARG B 59 -8.64 17.82 -23.49
N PRO B 60 -7.70 18.79 -23.43
CA PRO B 60 -6.96 19.18 -24.63
C PRO B 60 -6.26 18.02 -25.27
N GLN B 61 -5.79 17.01 -24.46
CA GLN B 61 -5.16 15.85 -25.04
C GLN B 61 -6.16 14.79 -25.55
N GLY B 62 -7.45 15.09 -25.47
CA GLY B 62 -8.44 14.14 -25.96
C GLY B 62 -9.10 13.23 -24.94
N ASN B 63 -8.79 13.42 -23.63
CA ASN B 63 -9.50 12.66 -22.57
C ASN B 63 -10.86 13.27 -22.33
N GLN B 64 -11.82 12.54 -21.70
CA GLN B 64 -13.11 13.12 -21.47
C GLN B 64 -13.57 13.03 -20.01
N GLY B 65 -12.60 13.13 -19.09
CA GLY B 65 -12.93 13.14 -17.66
C GLY B 65 -13.70 11.92 -17.19
N CYS B 66 -14.92 12.12 -16.57
CA CYS B 66 -15.74 11.02 -16.05
C CYS B 66 -16.38 10.27 -17.22
N ASN B 67 -16.25 10.81 -18.44
CA ASN B 67 -16.86 10.14 -19.62
C ASN B 67 -15.86 9.24 -20.32
N GLY B 68 -14.67 9.11 -19.75
CA GLY B 68 -13.68 8.19 -20.30
C GLY B 68 -12.41 8.84 -20.78
N GLY B 69 -11.45 8.02 -21.16
CA GLY B 69 -10.17 8.56 -21.63
C GLY B 69 -9.17 7.45 -21.87
N PHE B 70 -7.88 7.82 -22.13
CA PHE B 70 -6.88 6.80 -22.43
C PHE B 70 -5.63 7.05 -21.66
N MET B 71 -4.99 5.97 -21.20
CA MET B 71 -3.78 6.17 -20.40
C MET B 71 -2.74 6.87 -21.23
N ALA B 72 -2.65 6.53 -22.54
CA ALA B 72 -1.63 7.26 -23.32
C ALA B 72 -1.87 8.76 -23.42
N ARG B 73 -3.17 9.21 -23.50
CA ARG B 73 -3.38 10.64 -23.56
C ARG B 73 -3.00 11.31 -22.21
N ALA B 74 -3.12 10.55 -21.13
CA ALA B 74 -2.74 11.06 -19.82
C ALA B 74 -1.25 11.24 -19.77
N PHE B 75 -0.49 10.21 -20.25
CA PHE B 75 0.96 10.43 -20.21
C PHE B 75 1.31 11.62 -21.13
N GLN B 76 0.50 11.85 -22.19
CA GLN B 76 0.79 12.98 -23.11
C GLN B 76 0.54 14.28 -22.40
N TYR B 77 -0.55 14.30 -21.61
CA TYR B 77 -0.81 15.52 -20.88
C TYR B 77 0.29 15.82 -19.88
N VAL B 78 0.79 14.78 -19.16
CA VAL B 78 1.81 15.06 -18.16
C VAL B 78 3.03 15.67 -18.88
N LYS B 79 3.32 15.18 -20.07
CA LYS B 79 4.47 15.67 -20.82
C LYS B 79 4.26 17.10 -21.31
N GLU B 80 3.12 17.38 -21.94
CA GLU B 80 2.87 18.73 -22.44
C GLU B 80 2.73 19.75 -21.33
N ASN B 81 2.20 19.29 -20.19
CA ASN B 81 1.96 20.14 -19.05
C ASN B 81 3.21 20.41 -18.27
N GLY B 82 4.19 19.53 -18.40
CA GLY B 82 5.43 19.76 -17.66
C GLY B 82 5.33 19.23 -16.23
N GLY B 83 4.21 18.61 -15.87
CA GLY B 83 4.10 18.10 -14.52
C GLY B 83 2.76 17.46 -14.19
N LEU B 84 2.63 17.00 -12.93
CA LEU B 84 1.40 16.34 -12.42
C LEU B 84 1.42 16.38 -10.89
N ASP B 85 0.34 16.94 -10.31
CA ASP B 85 0.25 17.11 -8.88
C ASP B 85 0.03 15.85 -8.08
N SER B 86 0.48 15.89 -6.82
CA SER B 86 0.30 14.76 -5.89
C SER B 86 -1.17 14.63 -5.53
N GLU B 87 -1.61 13.42 -5.19
CA GLU B 87 -3.00 13.27 -4.76
C GLU B 87 -3.26 14.12 -3.53
N GLU B 88 -2.28 14.21 -2.61
CA GLU B 88 -2.52 15.01 -1.41
C GLU B 88 -2.85 16.47 -1.71
N SER B 89 -2.19 17.07 -2.69
CA SER B 89 -2.47 18.45 -2.97
C SER B 89 -3.71 18.67 -3.86
N TYR B 90 -4.13 17.63 -4.60
CA TYR B 90 -5.25 17.74 -5.59
C TYR B 90 -6.09 16.52 -5.42
N PRO B 91 -6.91 16.46 -4.36
CA PRO B 91 -7.77 15.33 -4.01
C PRO B 91 -8.86 14.95 -4.98
N TYR B 92 -9.19 13.64 -4.98
CA TYR B 92 -10.17 13.06 -5.90
C TYR B 92 -11.56 13.15 -5.39
N VAL B 93 -12.47 13.75 -6.20
CA VAL B 93 -13.86 13.84 -5.78
C VAL B 93 -14.82 13.12 -6.73
N ALA B 94 -14.28 12.40 -7.73
CA ALA B 94 -15.05 11.56 -8.64
C ALA B 94 -16.14 12.28 -9.45
N VAL B 95 -15.89 13.56 -9.81
CA VAL B 95 -16.80 14.30 -10.67
C VAL B 95 -15.89 15.15 -11.55
N ASP B 96 -16.38 15.58 -12.71
CA ASP B 96 -15.61 16.42 -13.64
C ASP B 96 -15.59 17.83 -13.08
N GLU B 97 -14.41 18.42 -12.90
CA GLU B 97 -14.30 19.77 -12.34
C GLU B 97 -13.31 20.63 -13.13
N ILE B 98 -13.25 21.92 -12.80
CA ILE B 98 -12.33 22.83 -13.49
C ILE B 98 -10.91 22.54 -13.12
N CYS B 99 -10.00 22.63 -14.10
CA CYS B 99 -8.58 22.34 -13.86
C CYS B 99 -7.99 23.24 -12.80
N LYS B 100 -7.26 22.67 -11.84
CA LYS B 100 -6.66 23.46 -10.75
C LYS B 100 -5.20 23.16 -10.65
N TYR B 101 -4.61 22.77 -11.78
CA TYR B 101 -3.21 22.40 -11.68
C TYR B 101 -2.28 23.52 -11.22
N ARG B 102 -1.33 23.20 -10.30
CA ARG B 102 -0.31 24.14 -9.91
C ARG B 102 1.06 23.47 -9.97
N PRO B 103 2.00 24.09 -10.69
CA PRO B 103 3.35 23.55 -10.84
C PRO B 103 4.10 23.34 -9.56
N GLU B 104 3.84 24.15 -8.55
CA GLU B 104 4.58 24.00 -7.30
C GLU B 104 4.14 22.75 -6.59
N ASN B 105 2.97 22.20 -6.99
CA ASN B 105 2.51 20.96 -6.37
C ASN B 105 2.85 19.74 -7.14
N SER B 106 3.58 19.94 -8.25
CA SER B 106 3.93 18.77 -9.08
C SER B 106 4.95 17.89 -8.40
N VAL B 107 4.86 16.55 -8.60
CA VAL B 107 5.77 15.57 -8.01
C VAL B 107 6.08 14.51 -9.03
N ALA B 108 5.69 14.76 -10.28
CA ALA B 108 5.96 13.78 -11.34
C ALA B 108 6.13 14.45 -12.69
N GLN B 109 6.90 13.79 -13.55
CA GLN B 109 7.11 14.30 -14.90
C GLN B 109 7.32 13.11 -15.82
N ASP B 110 6.99 13.27 -17.11
CA ASP B 110 7.33 12.21 -18.07
C ASP B 110 7.61 12.88 -19.41
N THR B 111 8.36 12.16 -20.27
CA THR B 111 8.76 12.69 -21.57
C THR B 111 7.96 12.05 -22.69
N GLY B 112 6.95 11.27 -22.33
CA GLY B 112 6.19 10.56 -23.32
C GLY B 112 5.92 9.17 -22.76
N PHE B 113 5.73 8.19 -23.63
CA PHE B 113 5.43 6.85 -23.18
C PHE B 113 5.85 5.81 -24.21
N THR B 114 5.94 4.55 -23.76
CA THR B 114 6.29 3.40 -24.57
C THR B 114 5.14 2.43 -24.75
N VAL B 115 4.88 2.01 -26.00
CA VAL B 115 3.84 1.03 -26.27
C VAL B 115 4.40 -0.39 -26.33
N VAL B 116 3.79 -1.32 -25.61
CA VAL B 116 4.17 -2.73 -25.64
C VAL B 116 3.66 -3.28 -26.98
N ALA B 117 4.34 -4.30 -27.57
CA ALA B 117 3.83 -4.75 -28.87
C ALA B 117 2.41 -5.20 -28.70
N PRO B 118 1.47 -4.62 -29.50
CA PRO B 118 0.10 -5.08 -29.28
C PRO B 118 -0.24 -6.54 -29.49
N GLY B 119 -1.11 -7.05 -28.61
CA GLY B 119 -1.59 -8.42 -28.73
C GLY B 119 -0.54 -9.42 -28.30
N LYS B 120 0.68 -8.96 -27.93
CA LYS B 120 1.72 -9.91 -27.53
C LYS B 120 1.88 -10.09 -26.03
N GLU B 121 1.33 -11.19 -25.50
CA GLU B 121 1.46 -11.46 -24.06
C GLU B 121 2.92 -11.71 -23.66
N LYS B 122 3.76 -12.22 -24.59
CA LYS B 122 5.13 -12.38 -24.19
C LYS B 122 5.79 -11.06 -24.15
N ALA B 123 5.39 -10.13 -25.06
CA ALA B 123 6.01 -8.82 -24.96
C ALA B 123 5.59 -8.21 -23.64
N LEU B 124 4.35 -8.55 -23.20
CA LEU B 124 3.89 -7.95 -21.93
C LEU B 124 4.63 -8.51 -20.75
N MET B 125 4.90 -9.82 -20.77
CA MET B 125 5.58 -10.45 -19.66
C MET B 125 6.94 -9.80 -19.50
N LYS B 126 7.62 -9.59 -20.64
CA LYS B 126 8.92 -8.95 -20.59
C LYS B 126 8.86 -7.53 -20.08
N ALA B 127 7.80 -6.76 -20.47
CA ALA B 127 7.83 -5.40 -19.95
C ALA B 127 7.57 -5.40 -18.43
N VAL B 128 6.63 -6.26 -18.01
CA VAL B 128 6.31 -6.33 -16.59
C VAL B 128 7.55 -6.76 -15.80
N ALA B 129 8.29 -7.75 -16.31
CA ALA B 129 9.46 -8.20 -15.53
C ALA B 129 10.61 -7.19 -15.47
N THR B 130 10.70 -6.32 -16.46
CA THR B 130 11.88 -5.43 -16.46
C THR B 130 11.63 -3.94 -16.26
N VAL B 131 10.37 -3.49 -16.33
CA VAL B 131 10.06 -2.08 -16.17
C VAL B 131 9.38 -1.71 -14.85
N GLY B 132 8.38 -2.50 -14.47
CA GLY B 132 7.59 -2.20 -13.27
C GLY B 132 6.12 -2.35 -13.65
N PRO B 133 5.18 -1.79 -12.86
CA PRO B 133 3.77 -1.96 -13.27
C PRO B 133 3.44 -1.37 -14.65
N ILE B 134 2.51 -2.03 -15.39
CA ILE B 134 2.21 -1.56 -16.77
C ILE B 134 0.71 -1.18 -16.95
N SER B 135 0.42 -0.02 -17.57
CA SER B 135 -0.97 0.33 -17.82
C SER B 135 -1.50 -0.57 -18.90
N VAL B 136 -2.74 -1.05 -18.76
CA VAL B 136 -3.36 -1.95 -19.75
C VAL B 136 -4.84 -1.68 -19.81
N ALA B 137 -5.45 -2.01 -20.94
CA ALA B 137 -6.90 -1.86 -21.06
C ALA B 137 -7.47 -3.24 -21.08
N MET B 138 -8.68 -3.43 -20.58
CA MET B 138 -9.31 -4.75 -20.61
C MET B 138 -10.82 -4.68 -20.88
N ASP B 139 -11.41 -5.84 -21.21
CA ASP B 139 -12.84 -5.98 -21.38
C ASP B 139 -13.38 -6.38 -20.00
N ALA B 140 -13.90 -5.39 -19.27
CA ALA B 140 -14.45 -5.61 -17.94
C ALA B 140 -15.99 -5.60 -18.01
N GLY B 141 -16.56 -5.62 -19.25
CA GLY B 141 -18.02 -5.56 -19.39
C GLY B 141 -18.84 -6.83 -19.21
N HIS B 142 -18.64 -7.54 -18.11
CA HIS B 142 -19.35 -8.76 -17.85
C HIS B 142 -19.63 -8.86 -16.36
N SER B 143 -20.82 -9.36 -16.01
CA SER B 143 -21.18 -9.44 -14.61
C SER B 143 -20.24 -10.28 -13.77
N SER B 144 -19.63 -11.29 -14.37
CA SER B 144 -18.69 -12.12 -13.62
C SER B 144 -17.51 -11.26 -13.07
N PHE B 145 -17.17 -10.14 -13.76
CA PHE B 145 -16.09 -9.28 -13.32
C PHE B 145 -16.52 -8.50 -12.13
N GLN B 146 -17.76 -8.01 -12.19
CA GLN B 146 -18.30 -7.27 -11.09
C GLN B 146 -18.36 -8.07 -9.80
N PHE B 147 -18.68 -9.37 -9.93
CA PHE B 147 -18.82 -10.22 -8.75
C PHE B 147 -17.63 -11.14 -8.46
N TYR B 148 -16.58 -10.95 -9.17
CA TYR B 148 -15.39 -11.71 -8.96
C TYR B 148 -14.89 -11.59 -7.51
N LYS B 149 -14.45 -12.71 -6.94
CA LYS B 149 -13.95 -12.71 -5.55
C LYS B 149 -12.55 -13.29 -5.40
N SER B 150 -12.29 -14.42 -6.05
CA SER B 150 -10.96 -14.99 -5.89
C SER B 150 -10.67 -15.94 -6.98
N GLY B 151 -9.43 -16.43 -7.03
CA GLY B 151 -9.10 -17.38 -8.08
C GLY B 151 -8.71 -16.74 -9.40
N ILE B 152 -8.54 -17.59 -10.43
CA ILE B 152 -8.13 -17.08 -11.72
C ILE B 152 -9.36 -16.73 -12.50
N TYR B 153 -9.42 -15.49 -12.92
CA TYR B 153 -10.61 -15.08 -13.61
C TYR B 153 -10.56 -15.48 -15.05
N PHE B 154 -11.63 -16.14 -15.48
CA PHE B 154 -11.75 -16.55 -16.89
C PHE B 154 -13.20 -16.41 -17.32
N GLU B 155 -13.44 -15.51 -18.26
CA GLU B 155 -14.76 -15.24 -18.76
C GLU B 155 -14.84 -15.68 -20.22
N PRO B 156 -15.59 -16.74 -20.51
CA PRO B 156 -15.69 -17.20 -21.89
C PRO B 156 -16.15 -16.16 -22.90
N ASP B 157 -17.01 -15.25 -22.48
CA ASP B 157 -17.51 -14.22 -23.37
C ASP B 157 -16.54 -13.04 -23.49
N CYS B 158 -15.31 -13.11 -22.86
CA CYS B 158 -14.46 -11.92 -22.93
C CYS B 158 -13.94 -11.57 -24.32
N SER B 159 -13.81 -10.27 -24.58
CA SER B 159 -13.26 -9.81 -25.86
C SER B 159 -11.80 -9.32 -25.67
N SER B 160 -10.96 -9.54 -26.69
CA SER B 160 -9.60 -9.02 -26.62
C SER B 160 -9.44 -7.78 -27.51
N LYS B 161 -10.56 -7.30 -28.10
CA LYS B 161 -10.55 -6.18 -29.04
C LYS B 161 -11.41 -5.05 -28.60
N ASN B 162 -12.52 -5.39 -27.97
CA ASN B 162 -13.43 -4.35 -27.51
C ASN B 162 -13.23 -4.19 -26.03
N LEU B 163 -12.49 -3.13 -25.68
CA LEU B 163 -12.08 -2.87 -24.29
C LEU B 163 -12.75 -1.65 -23.70
N ASP B 164 -13.08 -1.71 -22.39
CA ASP B 164 -13.80 -0.62 -21.81
C ASP B 164 -13.29 -0.19 -20.47
N HIS B 165 -12.12 -0.71 -19.99
CA HIS B 165 -11.66 -0.38 -18.61
C HIS B 165 -10.12 -0.44 -18.48
N GLY B 166 -9.47 0.63 -17.97
CA GLY B 166 -8.04 0.65 -17.81
C GLY B 166 -7.71 0.13 -16.42
N VAL B 167 -6.68 -0.73 -16.34
CA VAL B 167 -6.27 -1.33 -15.05
C VAL B 167 -4.72 -1.33 -15.02
N LEU B 168 -4.14 -1.96 -14.00
CA LEU B 168 -2.69 -1.95 -13.89
C LEU B 168 -2.17 -3.29 -13.63
N VAL B 169 -1.22 -3.74 -14.48
CA VAL B 169 -0.65 -5.04 -14.28
C VAL B 169 0.59 -4.82 -13.36
N VAL B 170 0.52 -5.38 -12.12
CA VAL B 170 1.65 -5.18 -11.16
C VAL B 170 2.47 -6.44 -11.07
N GLY B 171 2.14 -7.46 -11.84
CA GLY B 171 2.94 -8.68 -11.76
C GLY B 171 2.29 -9.84 -12.48
N TYR B 172 2.81 -11.05 -12.27
CA TYR B 172 2.22 -12.25 -12.88
C TYR B 172 2.68 -13.45 -12.08
N GLY B 173 2.03 -14.58 -12.27
CA GLY B 173 2.39 -15.76 -11.51
C GLY B 173 1.68 -17.00 -11.98
N PHE B 174 1.55 -17.96 -11.08
CA PHE B 174 0.91 -19.24 -11.39
C PHE B 174 0.42 -19.89 -10.12
N GLU B 175 -0.68 -20.64 -10.21
CA GLU B 175 -1.19 -21.36 -9.06
C GLU B 175 -0.69 -22.79 -9.07
N GLY B 176 -0.35 -23.30 -7.89
CA GLY B 176 0.16 -24.67 -7.76
C GLY B 176 1.65 -24.80 -7.99
N ALA B 177 2.15 -26.05 -7.88
CA ALA B 177 3.59 -26.31 -8.05
C ALA B 177 4.10 -26.09 -9.47
N ASN B 178 3.26 -26.32 -10.49
CA ASN B 178 3.80 -26.12 -11.83
C ASN B 178 3.65 -24.70 -12.30
N SER B 179 4.77 -24.14 -12.76
CA SER B 179 4.82 -22.74 -13.19
C SER B 179 4.26 -22.49 -14.59
N GLN B 180 3.77 -23.53 -15.30
CA GLN B 180 3.26 -23.29 -16.66
C GLN B 180 1.73 -23.41 -16.88
N ASN B 181 0.92 -23.72 -15.85
CA ASN B 181 -0.53 -23.69 -16.12
C ASN B 181 -1.17 -23.01 -14.95
N SER B 182 -2.35 -22.42 -15.16
CA SER B 182 -2.98 -21.61 -14.15
C SER B 182 -2.08 -20.42 -13.97
N LYS B 183 -1.50 -19.97 -15.09
CA LYS B 183 -0.72 -18.75 -15.04
C LYS B 183 -1.69 -17.58 -14.98
N TYR B 184 -1.27 -16.47 -14.40
CA TYR B 184 -2.17 -15.32 -14.35
C TYR B 184 -1.45 -14.01 -14.31
N TRP B 185 -2.19 -12.96 -14.68
CA TRP B 185 -1.68 -11.61 -14.56
C TRP B 185 -2.17 -11.07 -13.23
N LEU B 186 -1.30 -10.38 -12.49
CA LEU B 186 -1.70 -9.78 -11.21
C LEU B 186 -2.16 -8.35 -11.57
N VAL B 187 -3.44 -8.07 -11.37
CA VAL B 187 -4.06 -6.80 -11.76
C VAL B 187 -4.66 -5.97 -10.63
N LYS B 188 -4.23 -4.73 -10.50
CA LYS B 188 -4.75 -3.79 -9.55
C LYS B 188 -5.93 -3.07 -10.16
N ASN B 189 -7.11 -3.17 -9.58
CA ASN B 189 -8.31 -2.46 -10.05
C ASN B 189 -8.50 -1.12 -9.31
N SER B 190 -9.46 -0.31 -9.72
CA SER B 190 -9.71 0.95 -9.04
C SER B 190 -11.17 1.03 -8.56
N TRP B 191 -11.67 -0.02 -8.00
CA TRP B 191 -13.01 -0.11 -7.48
C TRP B 191 -13.02 -0.25 -5.95
N GLY B 192 -11.93 0.10 -5.29
CA GLY B 192 -11.83 0.02 -3.86
C GLY B 192 -11.37 -1.33 -3.35
N PRO B 193 -10.84 -1.41 -2.13
CA PRO B 193 -10.34 -2.60 -1.47
C PRO B 193 -11.42 -3.65 -1.30
N GLU B 194 -12.65 -3.24 -1.17
CA GLU B 194 -13.73 -4.16 -0.97
C GLU B 194 -14.12 -4.97 -2.21
N TRP B 195 -13.80 -4.54 -3.42
CA TRP B 195 -14.11 -5.34 -4.62
C TRP B 195 -13.16 -6.46 -4.85
N GLY B 196 -13.58 -7.54 -5.43
CA GLY B 196 -12.68 -8.61 -5.77
C GLY B 196 -11.84 -9.19 -4.65
N SER B 197 -10.59 -9.41 -4.92
CA SER B 197 -9.65 -9.94 -3.97
C SER B 197 -8.93 -8.78 -3.31
N ASN B 198 -9.59 -8.10 -2.43
CA ASN B 198 -9.05 -6.94 -1.78
C ASN B 198 -8.59 -5.89 -2.79
N GLY B 199 -9.35 -5.74 -3.84
CA GLY B 199 -9.09 -4.73 -4.87
C GLY B 199 -8.28 -5.22 -6.05
N TYR B 200 -7.81 -6.50 -5.98
CA TYR B 200 -6.99 -7.09 -7.02
C TYR B 200 -7.75 -8.26 -7.69
N VAL B 201 -7.23 -8.65 -8.87
CA VAL B 201 -7.78 -9.79 -9.58
C VAL B 201 -6.67 -10.50 -10.36
N LYS B 202 -6.73 -11.82 -10.37
CA LYS B 202 -5.78 -12.59 -11.18
C LYS B 202 -6.49 -12.90 -12.49
N ILE B 203 -5.97 -12.42 -13.61
CA ILE B 203 -6.63 -12.76 -14.88
C ILE B 203 -5.83 -13.79 -15.63
N ALA B 204 -6.51 -14.74 -16.27
CA ALA B 204 -5.83 -15.83 -16.95
C ALA B 204 -4.80 -15.27 -17.91
N LYS B 205 -3.61 -15.87 -17.84
CA LYS B 205 -2.43 -15.48 -18.62
C LYS B 205 -2.07 -16.53 -19.63
N ASP B 206 -1.64 -16.06 -20.82
CA ASP B 206 -1.27 -16.89 -21.95
C ASP B 206 -2.42 -17.79 -22.37
N LYS B 207 -3.64 -17.26 -22.28
CA LYS B 207 -4.85 -17.93 -22.69
C LYS B 207 -5.42 -17.07 -23.80
N ASN B 208 -4.57 -16.82 -24.78
CA ASN B 208 -4.97 -16.01 -25.94
C ASN B 208 -5.33 -14.56 -25.69
N ASN B 209 -4.50 -13.83 -24.91
CA ASN B 209 -4.78 -12.42 -24.63
C ASN B 209 -6.17 -12.29 -24.03
N HIS B 210 -6.46 -13.12 -23.02
CA HIS B 210 -7.79 -13.11 -22.42
C HIS B 210 -8.20 -11.71 -21.92
N CYS B 211 -9.46 -11.28 -22.27
CA CYS B 211 -10.01 -10.00 -21.93
C CYS B 211 -9.18 -8.86 -22.51
N GLY B 212 -8.27 -9.18 -23.44
CA GLY B 212 -7.48 -8.11 -24.09
C GLY B 212 -6.37 -7.49 -23.24
N ILE B 213 -5.90 -8.20 -22.22
CA ILE B 213 -4.88 -7.59 -21.33
C ILE B 213 -3.63 -7.07 -22.04
N ALA B 214 -3.18 -7.73 -23.10
CA ALA B 214 -1.99 -7.27 -23.82
C ALA B 214 -2.30 -6.50 -25.11
N THR B 215 -3.58 -6.19 -25.36
CA THR B 215 -3.93 -5.47 -26.58
C THR B 215 -3.46 -4.03 -26.64
N ALA B 216 -3.55 -3.29 -25.52
CA ALA B 216 -3.15 -1.90 -25.54
C ALA B 216 -2.41 -1.51 -24.27
N ALA B 217 -1.22 -2.09 -24.07
CA ALA B 217 -0.40 -1.81 -22.89
C ALA B 217 0.66 -0.73 -23.12
N SER B 218 0.95 0.05 -22.07
CA SER B 218 1.97 1.09 -22.16
C SER B 218 2.46 1.57 -20.78
N TYR B 219 3.50 2.37 -20.80
CA TYR B 219 4.05 2.93 -19.58
C TYR B 219 4.78 4.25 -19.86
N PRO B 220 4.72 5.20 -18.92
CA PRO B 220 5.38 6.51 -19.06
C PRO B 220 6.90 6.43 -19.06
N ASN B 221 7.57 7.35 -19.77
CA ASN B 221 9.01 7.38 -19.74
C ASN B 221 9.42 8.50 -18.80
N VAL B 222 10.04 8.16 -17.66
CA VAL B 222 10.41 9.21 -16.71
C VAL B 222 11.91 9.51 -16.72
N PHE C 7 2.65 -9.35 27.21
CA PHE C 7 3.75 -9.24 26.26
C PHE C 7 3.21 -9.21 24.86
N LEU C 8 3.35 -8.09 24.19
CA LEU C 8 2.87 -8.01 22.84
C LEU C 8 3.65 -9.03 22.06
N ALA C 9 2.97 -9.70 21.13
CA ALA C 9 3.60 -10.76 20.38
C ALA C 9 2.92 -10.96 19.06
N NH2 C 10 1.62 -10.61 18.95
HN1 NH2 C 10 1.17 -10.76 18.10
HN2 NH2 C 10 1.12 -10.22 19.69
N PHE D 7 -13.50 4.57 -25.85
CA PHE D 7 -13.12 5.34 -24.68
C PHE D 7 -13.14 4.47 -23.43
N LEU D 8 -11.97 4.26 -22.82
CA LEU D 8 -11.92 3.46 -21.61
C LEU D 8 -12.62 4.19 -20.48
N ALA D 9 -13.36 3.45 -19.64
CA ALA D 9 -14.07 4.08 -18.51
C ALA D 9 -13.96 3.26 -17.20
N NH2 D 10 -13.85 1.94 -17.28
HN1 NH2 D 10 -13.85 1.48 -18.15
HN2 NH2 D 10 -13.79 1.42 -16.47
CL CL E . 5.30 -0.57 23.92
C1 MPD F . -1.99 -12.12 19.10
C2 MPD F . -2.07 -13.60 18.73
O2 MPD F . -1.12 -13.84 17.68
CM MPD F . -1.70 -14.46 19.93
C3 MPD F . -3.49 -13.92 18.22
C4 MPD F . -3.78 -15.29 17.62
O4 MPD F . -5.08 -15.25 17.03
C5 MPD F . -2.79 -15.68 16.53
C1 MPD G . 3.19 16.19 18.05
C2 MPD G . 2.49 15.26 19.04
O2 MPD G . 1.18 15.74 19.27
CM MPD G . 2.40 13.87 18.45
C3 MPD G . 3.26 15.20 20.36
C4 MPD G . 2.54 14.58 21.56
O4 MPD G . 1.96 13.33 21.20
C5 MPD G . 3.46 14.41 22.75
C1 MPD H . -19.01 -0.05 -17.14
C2 MPD H . -17.70 -0.69 -16.69
O2 MPD H . -16.69 -0.42 -17.66
CM MPD H . -17.29 -0.07 -15.37
C3 MPD H . -17.88 -2.21 -16.52
C4 MPD H . -19.00 -2.73 -15.64
O4 MPD H . -18.88 -4.15 -15.52
C5 MPD H . -19.00 -2.14 -14.25
C1 MPD I . -18.37 -1.90 -9.24
C2 MPD I . -18.81 -0.66 -10.00
O2 MPD I . -20.13 -0.30 -9.60
CM MPD I . -18.81 -0.98 -11.49
C3 MPD I . -17.83 0.49 -9.72
C4 MPD I . -17.93 1.24 -8.39
O4 MPD I . -18.97 2.22 -8.47
C5 MPD I . -18.15 0.31 -7.21
C1 GOL J . -1.41 22.15 -20.82
O1 GOL J . -0.95 21.03 -20.09
C2 GOL J . -1.95 21.72 -22.15
O2 GOL J . -3.17 21.02 -21.94
C3 GOL J . -2.20 22.90 -23.07
O3 GOL J . -2.19 22.51 -24.44
CL CL K . -4.15 4.12 -23.75
#